data_1Q8V
#
_entry.id   1Q8V
#
_cell.length_a   56.85
_cell.length_b   83.61
_cell.length_c   122.96
_cell.angle_alpha   90.0
_cell.angle_beta   90.0
_cell.angle_gamma   90.0
#
_symmetry.space_group_name_H-M   'P 21 21 21'
#
loop_
_entity.id
_entity.type
_entity.pdbx_description
1 polymer lectin
2 branched alpha-D-mannopyranose-(1-6)-alpha-D-mannopyranose
3 branched alpha-D-mannopyranose-(1-3)-[alpha-D-mannopyranose-(1-6)]alpha-D-mannopyranose
4 non-polymer 'MANGANESE (II) ION'
5 non-polymer 'CALCIUM ION'
6 water water
#
_entity_poly.entity_id   1
_entity_poly.type   'polypeptide(L)'
_entity_poly.pdbx_seq_one_letter_code
;(PCA)DSLSFGFPTFPSDQKNLIFQGDAQIKNNAVQLTKTDSNGNPVASTVGRILFSAQVHLWEKSSSRVANFQSQFSFS
LKSPLSNGADGIAFFIAPPDTTIPSGSGGGLLGLFAPGTAQNTSANQVIAVEFDTFYAQDSNTWDPNYPHIGIDVNSIRS
VKTVKWDRRDGQSLNVLVTFNPSTRNLDVVATYSDGTRYEVSYEVDVRSVLPEWVRVGFSAASGEQYQTHTLESWSFTST
LLYTAQKKGENLALEM
;
_entity_poly.pdbx_strand_id   A,B
#
# COMPACT_ATOMS: atom_id res chain seq x y z
N ASP A 2 10.92 -0.48 0.04
CA ASP A 2 11.75 0.43 -0.72
C ASP A 2 10.94 0.97 -1.91
N SER A 3 9.97 0.18 -2.36
CA SER A 3 9.13 0.60 -3.49
C SER A 3 7.67 0.35 -3.19
N LEU A 4 6.82 1.21 -3.73
CA LEU A 4 5.37 1.12 -3.54
C LEU A 4 4.67 1.73 -4.74
N SER A 5 3.62 1.07 -5.22
CA SER A 5 2.86 1.62 -6.33
C SER A 5 1.41 1.19 -6.20
N PHE A 6 0.50 2.05 -6.65
CA PHE A 6 -0.91 1.71 -6.59
C PHE A 6 -1.61 2.50 -7.68
N GLY A 7 -2.74 1.98 -8.14
CA GLY A 7 -3.45 2.67 -9.20
C GLY A 7 -4.94 2.57 -9.08
N PHE A 8 -5.60 3.72 -9.20
CA PHE A 8 -7.06 3.79 -9.15
C PHE A 8 -7.53 4.30 -10.51
N PRO A 9 -7.89 3.41 -11.44
CA PRO A 9 -8.37 3.84 -12.75
C PRO A 9 -9.67 4.64 -12.57
N THR A 10 -10.44 4.23 -11.56
CA THR A 10 -11.70 4.87 -11.19
C THR A 10 -11.79 4.67 -9.69
N PHE A 11 -12.82 5.22 -9.05
CA PHE A 11 -12.99 5.07 -7.62
C PHE A 11 -14.32 4.44 -7.21
N PRO A 12 -14.38 3.10 -7.21
CA PRO A 12 -15.62 2.41 -6.83
C PRO A 12 -16.00 2.80 -5.41
N SER A 13 -17.29 2.69 -5.08
CA SER A 13 -17.77 3.05 -3.75
C SER A 13 -17.14 2.28 -2.60
N ASP A 14 -16.73 1.04 -2.86
CA ASP A 14 -16.14 0.19 -1.83
C ASP A 14 -14.63 0.39 -1.74
N GLN A 15 -14.21 1.30 -0.86
CA GLN A 15 -12.80 1.59 -0.64
C GLN A 15 -12.33 1.14 0.74
N LYS A 16 -11.10 0.65 0.81
CA LYS A 16 -10.55 0.17 2.07
C LYS A 16 -9.25 0.88 2.47
N ASN A 17 -8.50 1.36 1.48
CA ASN A 17 -7.21 2.00 1.74
C ASN A 17 -7.15 3.51 1.62
N LEU A 18 -8.30 4.17 1.70
CA LEU A 18 -8.32 5.62 1.63
C LEU A 18 -8.79 6.25 2.93
N ILE A 19 -8.08 7.28 3.36
CA ILE A 19 -8.43 8.01 4.57
C ILE A 19 -9.20 9.25 4.10
N PHE A 20 -10.47 9.34 4.49
CA PHE A 20 -11.31 10.47 4.11
C PHE A 20 -11.34 11.49 5.24
N GLN A 21 -11.12 12.76 4.90
CA GLN A 21 -11.15 13.82 5.90
C GLN A 21 -12.07 14.93 5.42
N GLY A 22 -12.76 15.58 6.34
CA GLY A 22 -13.66 16.64 5.95
C GLY A 22 -14.86 16.13 5.18
N ASP A 23 -15.23 16.83 4.11
CA ASP A 23 -16.39 16.46 3.31
C ASP A 23 -16.16 15.51 2.15
N ALA A 24 -14.94 14.99 2.01
CA ALA A 24 -14.63 14.08 0.90
C ALA A 24 -15.43 12.78 0.90
N GLN A 25 -15.90 12.37 -0.28
CA GLN A 25 -16.63 11.11 -0.40
C GLN A 25 -16.72 10.62 -1.84
N ILE A 26 -16.96 9.32 -1.99
CA ILE A 26 -17.08 8.70 -3.31
C ILE A 26 -18.49 8.91 -3.86
N LYS A 27 -18.54 9.37 -5.11
CA LYS A 27 -19.79 9.63 -5.81
C LYS A 27 -19.63 9.25 -7.28
N ASN A 28 -20.43 8.30 -7.74
CA ASN A 28 -20.39 7.86 -9.13
C ASN A 28 -18.99 7.53 -9.65
N ASN A 29 -18.30 6.64 -8.94
CA ASN A 29 -16.96 6.19 -9.32
C ASN A 29 -15.89 7.27 -9.36
N ALA A 30 -16.09 8.35 -8.62
CA ALA A 30 -15.12 9.43 -8.56
C ALA A 30 -15.11 9.98 -7.14
N VAL A 31 -14.01 10.62 -6.76
CA VAL A 31 -13.93 11.19 -5.42
C VAL A 31 -14.35 12.66 -5.49
N GLN A 32 -15.37 13.01 -4.71
CA GLN A 32 -15.86 14.39 -4.64
C GLN A 32 -15.20 14.96 -3.39
N LEU A 33 -14.15 15.76 -3.58
CA LEU A 33 -13.42 16.33 -2.46
C LEU A 33 -14.27 17.32 -1.67
N THR A 34 -15.06 18.12 -2.37
CA THR A 34 -15.91 19.11 -1.72
C THR A 34 -17.39 18.70 -1.79
N LYS A 35 -18.13 19.10 -0.78
CA LYS A 35 -19.56 18.78 -0.66
C LYS A 35 -20.44 19.24 -1.82
N THR A 36 -21.46 18.45 -2.13
CA THR A 36 -22.42 18.78 -3.17
C THR A 36 -23.80 18.41 -2.67
N ASP A 37 -24.83 19.10 -3.15
CA ASP A 37 -26.20 18.82 -2.73
C ASP A 37 -26.70 17.52 -3.36
N SER A 38 -27.98 17.22 -3.14
CA SER A 38 -28.58 16.00 -3.68
C SER A 38 -28.62 16.01 -5.21
N ASN A 39 -28.64 17.21 -5.79
CA ASN A 39 -28.69 17.36 -7.25
C ASN A 39 -27.29 17.22 -7.84
N GLY A 40 -26.28 17.14 -6.99
CA GLY A 40 -24.92 17.02 -7.47
C GLY A 40 -24.24 18.36 -7.71
N ASN A 41 -24.89 19.43 -7.29
CA ASN A 41 -24.34 20.77 -7.45
C ASN A 41 -23.47 21.17 -6.27
N PRO A 42 -22.39 21.91 -6.54
CA PRO A 42 -21.46 22.37 -5.51
C PRO A 42 -22.10 23.33 -4.50
N VAL A 43 -21.58 23.32 -3.28
CA VAL A 43 -22.07 24.19 -2.23
C VAL A 43 -20.90 24.98 -1.64
N ALA A 44 -21.21 26.07 -0.96
CA ALA A 44 -20.17 26.90 -0.36
C ALA A 44 -19.72 26.36 1.00
N SER A 45 -18.58 26.86 1.46
CA SER A 45 -18.02 26.49 2.75
C SER A 45 -17.84 24.99 2.96
N THR A 46 -16.89 24.41 2.23
CA THR A 46 -16.64 22.99 2.36
C THR A 46 -15.16 22.68 2.10
N VAL A 47 -14.64 21.72 2.86
CA VAL A 47 -13.25 21.29 2.72
C VAL A 47 -13.24 19.77 2.78
N GLY A 48 -12.35 19.14 2.02
CA GLY A 48 -12.28 17.70 2.02
C GLY A 48 -10.93 17.23 1.50
N ARG A 49 -10.45 16.11 2.01
CA ARG A 49 -9.15 15.58 1.59
C ARG A 49 -9.18 14.07 1.66
N ILE A 50 -8.28 13.43 0.91
CA ILE A 50 -8.14 11.97 0.97
C ILE A 50 -6.65 11.70 0.98
N LEU A 51 -6.25 10.62 1.66
CA LEU A 51 -4.86 10.23 1.73
C LEU A 51 -4.81 8.72 1.53
N PHE A 52 -3.74 8.21 0.94
CA PHE A 52 -3.66 6.76 0.78
C PHE A 52 -3.19 6.29 2.16
N SER A 53 -3.72 5.16 2.63
CA SER A 53 -3.39 4.68 3.97
C SER A 53 -1.94 4.26 4.21
N ALA A 54 -1.35 3.55 3.25
CA ALA A 54 0.03 3.12 3.41
C ALA A 54 0.97 4.31 3.35
N GLN A 55 1.95 4.33 4.24
CA GLN A 55 2.93 5.40 4.28
C GLN A 55 4.02 5.18 3.23
N VAL A 56 4.48 6.27 2.65
CA VAL A 56 5.51 6.22 1.61
C VAL A 56 6.88 6.55 2.20
N HIS A 57 7.88 5.74 1.88
CA HIS A 57 9.23 6.00 2.41
C HIS A 57 9.91 6.94 1.41
N LEU A 58 9.82 8.24 1.69
CA LEU A 58 10.38 9.29 0.82
C LEU A 58 11.90 9.35 0.81
N TRP A 59 12.51 9.16 1.98
CA TRP A 59 13.96 9.15 2.05
C TRP A 59 14.44 8.36 3.25
N GLU A 60 15.65 7.84 3.17
CA GLU A 60 16.22 7.03 4.22
C GLU A 60 17.57 7.59 4.65
N LYS A 61 17.61 8.09 5.88
CA LYS A 61 18.81 8.68 6.44
C LYS A 61 19.99 7.71 6.53
N SER A 62 19.74 6.49 6.95
CA SER A 62 20.79 5.48 7.10
C SER A 62 21.48 5.03 5.81
N SER A 63 20.76 5.03 4.69
CA SER A 63 21.35 4.59 3.43
C SER A 63 21.63 5.73 2.45
N SER A 64 21.29 6.95 2.85
CA SER A 64 21.53 8.13 2.00
C SER A 64 20.72 8.03 0.69
N ARG A 65 19.57 7.38 0.75
CA ARG A 65 18.73 7.25 -0.43
C ARG A 65 17.53 8.19 -0.39
N VAL A 66 17.10 8.63 -1.57
CA VAL A 66 15.94 9.50 -1.70
C VAL A 66 15.07 8.88 -2.76
N ALA A 67 13.76 8.87 -2.55
CA ALA A 67 12.86 8.26 -3.51
C ALA A 67 12.53 9.11 -4.72
N ASN A 68 12.37 8.45 -5.85
CA ASN A 68 11.94 9.17 -7.04
C ASN A 68 10.46 8.83 -6.98
N PHE A 69 9.58 9.71 -7.44
CA PHE A 69 8.18 9.33 -7.42
C PHE A 69 7.46 9.96 -8.60
N GLN A 70 6.30 9.40 -8.90
CA GLN A 70 5.50 9.87 -10.00
C GLN A 70 4.05 9.72 -9.58
N SER A 71 3.28 10.78 -9.79
CA SER A 71 1.87 10.76 -9.45
C SER A 71 1.12 11.25 -10.68
N GLN A 72 0.26 10.40 -11.22
CA GLN A 72 -0.51 10.75 -12.39
C GLN A 72 -1.98 10.77 -11.97
N PHE A 73 -2.69 11.84 -12.32
CA PHE A 73 -4.09 11.93 -11.94
C PHE A 73 -4.85 12.85 -12.87
N SER A 74 -6.17 12.75 -12.81
CA SER A 74 -7.02 13.60 -13.63
C SER A 74 -8.18 14.09 -12.78
N PHE A 75 -8.60 15.33 -13.01
CA PHE A 75 -9.71 15.89 -12.26
C PHE A 75 -10.50 16.85 -13.14
N SER A 76 -11.69 17.21 -12.69
CA SER A 76 -12.52 18.16 -13.42
C SER A 76 -13.19 19.05 -12.38
N LEU A 77 -13.43 20.30 -12.77
CA LEU A 77 -14.07 21.28 -11.90
C LEU A 77 -15.33 21.74 -12.62
N LYS A 78 -16.45 21.78 -11.91
CA LYS A 78 -17.71 22.22 -12.50
C LYS A 78 -18.39 23.23 -11.59
N SER A 79 -18.97 24.26 -12.18
CA SER A 79 -19.64 25.29 -11.39
C SER A 79 -20.58 26.17 -12.19
N PRO A 80 -21.75 26.49 -11.61
CA PRO A 80 -22.76 27.33 -12.25
C PRO A 80 -22.20 28.75 -12.40
N LEU A 81 -21.25 29.09 -11.53
CA LEU A 81 -20.60 30.39 -11.53
C LEU A 81 -19.39 30.35 -12.46
N SER A 82 -19.00 31.51 -12.99
CA SER A 82 -17.86 31.59 -13.88
C SER A 82 -16.57 31.69 -13.07
N ASN A 83 -16.69 32.14 -11.83
CA ASN A 83 -15.55 32.27 -10.94
C ASN A 83 -15.60 31.22 -9.83
N GLY A 84 -15.54 29.95 -10.23
CA GLY A 84 -15.55 28.87 -9.26
C GLY A 84 -14.32 28.95 -8.39
N ALA A 85 -14.44 28.45 -7.15
CA ALA A 85 -13.33 28.47 -6.20
C ALA A 85 -13.41 27.21 -5.34
N ASP A 86 -12.35 26.86 -4.62
CA ASP A 86 -11.09 27.60 -4.59
C ASP A 86 -9.93 26.89 -5.27
N GLY A 87 -10.04 25.58 -5.43
CA GLY A 87 -8.97 24.85 -6.08
C GLY A 87 -8.70 23.49 -5.49
N ILE A 88 -7.88 22.72 -6.18
CA ILE A 88 -7.54 21.38 -5.73
C ILE A 88 -6.02 21.27 -5.68
N ALA A 89 -5.52 20.43 -4.78
CA ALA A 89 -4.09 20.27 -4.65
C ALA A 89 -3.67 18.84 -4.34
N PHE A 90 -2.58 18.43 -4.96
CA PHE A 90 -1.98 17.13 -4.69
C PHE A 90 -0.96 17.49 -3.61
N PHE A 91 -0.89 16.73 -2.52
CA PHE A 91 0.09 17.07 -1.50
C PHE A 91 0.77 15.89 -0.83
N ILE A 92 1.89 16.18 -0.19
CA ILE A 92 2.70 15.19 0.52
C ILE A 92 2.94 15.82 1.89
N ALA A 93 2.68 15.07 2.96
CA ALA A 93 2.86 15.61 4.30
C ALA A 93 3.10 14.51 5.32
N PRO A 94 3.40 14.88 6.57
CA PRO A 94 3.64 13.86 7.59
C PRO A 94 2.39 12.96 7.67
N PRO A 95 2.58 11.69 8.05
CA PRO A 95 1.49 10.73 8.16
C PRO A 95 0.27 11.10 9.01
N ASP A 96 0.48 11.84 10.09
CA ASP A 96 -0.63 12.21 10.96
C ASP A 96 -1.34 13.50 10.58
N THR A 97 -1.11 13.98 9.35
CA THR A 97 -1.73 15.23 8.93
C THR A 97 -3.25 15.18 8.99
N THR A 98 -3.84 16.30 9.39
CA THR A 98 -5.29 16.45 9.48
C THR A 98 -5.62 17.86 9.01
N ILE A 99 -6.89 18.10 8.70
CA ILE A 99 -7.31 19.42 8.24
C ILE A 99 -7.11 20.46 9.33
N PRO A 100 -6.25 21.46 9.08
CA PRO A 100 -5.98 22.52 10.06
C PRO A 100 -7.23 23.37 10.31
N SER A 101 -7.37 23.86 11.52
CA SER A 101 -8.52 24.68 11.89
C SER A 101 -8.54 25.98 11.06
N GLY A 102 -9.68 26.25 10.43
CA GLY A 102 -9.83 27.46 9.63
C GLY A 102 -9.08 27.48 8.30
N SER A 103 -8.78 26.29 7.76
CA SER A 103 -8.05 26.20 6.51
C SER A 103 -8.93 26.17 5.25
N GLY A 104 -10.17 26.65 5.38
CA GLY A 104 -11.07 26.66 4.25
C GLY A 104 -10.75 27.71 3.19
N GLY A 105 -11.60 27.80 2.19
CA GLY A 105 -11.41 28.78 1.13
C GLY A 105 -10.05 28.72 0.45
N GLY A 106 -9.44 29.89 0.32
CA GLY A 106 -8.15 30.02 -0.33
C GLY A 106 -6.97 29.29 0.30
N LEU A 107 -7.16 28.74 1.50
CA LEU A 107 -6.07 28.01 2.14
C LEU A 107 -6.09 26.54 1.72
N LEU A 108 -7.06 26.22 0.87
CA LEU A 108 -7.23 24.89 0.28
C LEU A 108 -7.26 23.70 1.22
N GLY A 109 -7.46 23.94 2.51
CA GLY A 109 -7.51 22.86 3.48
C GLY A 109 -6.12 22.34 3.81
N LEU A 110 -5.10 23.13 3.48
CA LEU A 110 -3.71 22.74 3.71
C LEU A 110 -2.97 23.54 4.78
N PHE A 111 -3.33 24.81 4.94
CA PHE A 111 -2.64 25.62 5.94
C PHE A 111 -3.58 26.31 6.91
N ALA A 112 -3.06 26.63 8.09
CA ALA A 112 -3.82 27.32 9.12
C ALA A 112 -3.64 28.81 8.83
N PRO A 113 -4.68 29.63 9.04
CA PRO A 113 -4.62 31.06 8.79
C PRO A 113 -3.41 31.78 9.39
N GLY A 114 -3.16 31.54 10.68
CA GLY A 114 -2.06 32.20 11.35
C GLY A 114 -0.66 31.86 10.88
N THR A 115 -0.48 30.70 10.29
CA THR A 115 0.86 30.28 9.83
C THR A 115 0.95 29.93 8.35
N ALA A 116 -0.09 30.29 7.59
CA ALA A 116 -0.14 30.00 6.16
C ALA A 116 1.07 30.42 5.35
N GLN A 117 1.75 31.49 5.77
CA GLN A 117 2.92 31.96 5.03
C GLN A 117 4.23 31.87 5.81
N ASN A 118 4.22 31.09 6.89
CA ASN A 118 5.41 30.90 7.72
C ASN A 118 6.03 29.56 7.33
N THR A 119 7.08 29.62 6.50
CA THR A 119 7.74 28.41 6.01
C THR A 119 8.38 27.51 7.08
N SER A 120 8.64 28.05 8.26
CA SER A 120 9.26 27.24 9.30
C SER A 120 8.24 26.60 10.24
N ALA A 121 6.96 26.88 10.00
CA ALA A 121 5.89 26.32 10.83
C ALA A 121 5.11 25.23 10.12
N ASN A 122 5.50 24.91 8.89
CA ASN A 122 4.80 23.90 8.11
C ASN A 122 5.73 22.83 7.53
N GLN A 123 5.14 21.69 7.19
CA GLN A 123 5.85 20.57 6.57
C GLN A 123 4.91 20.03 5.51
N VAL A 124 4.98 20.59 4.31
CA VAL A 124 4.11 20.14 3.23
C VAL A 124 4.62 20.62 1.90
N ILE A 125 4.45 19.76 0.91
CA ILE A 125 4.81 20.08 -0.47
C ILE A 125 3.51 19.81 -1.20
N ALA A 126 3.03 20.78 -1.97
CA ALA A 126 1.80 20.58 -2.70
C ALA A 126 1.87 21.21 -4.08
N VAL A 127 1.05 20.69 -4.98
CA VAL A 127 0.97 21.21 -6.33
C VAL A 127 -0.49 21.65 -6.39
N GLU A 128 -0.70 22.96 -6.45
CA GLU A 128 -2.06 23.50 -6.46
C GLU A 128 -2.56 23.94 -7.83
N PHE A 129 -3.86 23.80 -8.02
CA PHE A 129 -4.54 24.22 -9.24
C PHE A 129 -5.53 25.21 -8.63
N ASP A 130 -5.12 26.47 -8.65
CA ASP A 130 -5.83 27.58 -8.03
C ASP A 130 -6.67 28.43 -8.99
N THR A 131 -7.99 28.42 -8.78
CA THR A 131 -8.90 29.16 -9.65
C THR A 131 -9.43 30.49 -9.12
N PHE A 132 -9.13 30.83 -7.87
CA PHE A 132 -9.63 32.07 -7.29
C PHE A 132 -8.43 32.88 -6.79
N TYR A 133 -8.33 34.13 -7.22
CA TYR A 133 -7.20 34.98 -6.84
C TYR A 133 -7.52 36.40 -6.40
N ALA A 134 -8.75 36.66 -5.98
CA ALA A 134 -9.13 37.99 -5.52
C ALA A 134 -8.09 38.49 -4.51
N GLN A 135 -7.50 39.63 -4.80
CA GLN A 135 -6.45 40.20 -3.96
C GLN A 135 -6.87 40.65 -2.56
N ASP A 136 -8.16 40.66 -2.27
CA ASP A 136 -8.62 41.07 -0.95
C ASP A 136 -8.55 39.89 0.03
N SER A 137 -8.83 38.69 -0.46
CA SER A 137 -8.81 37.48 0.38
C SER A 137 -7.62 36.57 0.10
N ASN A 138 -7.15 36.53 -1.14
CA ASN A 138 -5.99 35.71 -1.50
C ASN A 138 -4.84 36.64 -1.86
N THR A 139 -4.39 37.41 -0.88
CA THR A 139 -3.32 38.38 -1.07
C THR A 139 -1.99 37.83 -1.56
N TRP A 140 -1.79 36.53 -1.38
CA TRP A 140 -0.55 35.88 -1.78
C TRP A 140 -0.53 35.41 -3.25
N ASP A 141 -1.69 35.39 -3.89
CA ASP A 141 -1.79 34.94 -5.29
C ASP A 141 -1.48 35.93 -6.39
N PRO A 142 -0.98 35.42 -7.53
CA PRO A 142 -0.68 36.26 -8.68
C PRO A 142 -2.09 36.61 -9.16
N ASN A 143 -2.25 37.64 -9.98
CA ASN A 143 -3.60 38.03 -10.37
C ASN A 143 -4.17 37.31 -11.60
N TYR A 144 -4.27 35.98 -11.51
CA TYR A 144 -4.81 35.16 -12.59
C TYR A 144 -4.82 33.69 -12.16
N PRO A 145 -5.69 32.87 -12.78
CA PRO A 145 -5.73 31.45 -12.42
C PRO A 145 -4.34 30.87 -12.65
N HIS A 146 -3.93 29.91 -11.82
CA HIS A 146 -2.59 29.37 -11.94
C HIS A 146 -2.36 28.00 -11.35
N ILE A 147 -1.25 27.38 -11.74
CA ILE A 147 -0.83 26.11 -11.19
C ILE A 147 0.38 26.53 -10.38
N GLY A 148 0.50 26.05 -9.14
CA GLY A 148 1.64 26.45 -8.36
C GLY A 148 2.24 25.33 -7.54
N ILE A 149 3.52 25.48 -7.23
CA ILE A 149 4.24 24.52 -6.40
C ILE A 149 4.37 25.21 -5.05
N ASP A 150 3.82 24.58 -4.02
CA ASP A 150 3.85 25.13 -2.66
C ASP A 150 4.79 24.35 -1.77
N VAL A 151 5.73 25.05 -1.15
CA VAL A 151 6.68 24.41 -0.24
C VAL A 151 6.57 25.12 1.10
N ASN A 152 5.82 24.53 2.03
CA ASN A 152 5.61 25.05 3.38
C ASN A 152 4.91 26.41 3.44
N SER A 153 4.26 26.82 2.36
CA SER A 153 3.56 28.10 2.34
C SER A 153 2.48 28.13 1.27
N ILE A 154 1.42 28.90 1.52
CA ILE A 154 0.34 29.02 0.55
C ILE A 154 0.81 29.94 -0.57
N ARG A 155 1.90 30.65 -0.32
CA ARG A 155 2.52 31.55 -1.30
C ARG A 155 3.44 30.67 -2.12
N SER A 156 2.99 30.25 -3.30
CA SER A 156 3.76 29.39 -4.18
C SER A 156 5.17 29.87 -4.47
N VAL A 157 6.12 28.95 -4.49
CA VAL A 157 7.51 29.31 -4.80
C VAL A 157 7.65 29.48 -6.31
N LYS A 158 6.71 28.90 -7.05
CA LYS A 158 6.72 29.00 -8.51
C LYS A 158 5.30 28.78 -9.05
N THR A 159 4.91 29.57 -10.04
CA THR A 159 3.59 29.43 -10.64
C THR A 159 3.64 29.60 -12.16
N VAL A 160 2.59 29.15 -12.82
CA VAL A 160 2.48 29.31 -14.27
C VAL A 160 1.01 29.63 -14.51
N LYS A 161 0.74 30.58 -15.41
CA LYS A 161 -0.64 30.93 -15.70
C LYS A 161 -1.36 29.69 -16.21
N TRP A 162 -2.59 29.51 -15.78
CA TRP A 162 -3.40 28.35 -16.15
C TRP A 162 -4.82 28.77 -16.56
N ASP A 163 -5.47 27.94 -17.36
CA ASP A 163 -6.83 28.22 -17.83
C ASP A 163 -7.83 27.25 -17.23
N ARG A 164 -8.82 27.77 -16.52
CA ARG A 164 -9.85 26.92 -15.93
C ARG A 164 -10.89 26.62 -17.01
N ARG A 165 -11.19 25.35 -17.22
CA ARG A 165 -12.20 24.96 -18.20
C ARG A 165 -13.28 24.15 -17.48
N ASP A 166 -14.46 24.74 -17.37
CA ASP A 166 -15.56 24.08 -16.68
C ASP A 166 -15.92 22.73 -17.31
N GLY A 167 -15.98 21.69 -16.48
CA GLY A 167 -16.35 20.37 -16.96
C GLY A 167 -15.34 19.55 -17.71
N GLN A 168 -14.19 20.11 -18.07
CA GLN A 168 -13.18 19.35 -18.80
C GLN A 168 -12.12 18.77 -17.87
N SER A 169 -11.79 17.51 -18.10
CA SER A 169 -10.78 16.82 -17.29
C SER A 169 -9.36 17.27 -17.62
N LEU A 170 -8.57 17.52 -16.59
CA LEU A 170 -7.18 17.92 -16.76
C LEU A 170 -6.32 16.73 -16.35
N ASN A 171 -5.43 16.29 -17.24
CA ASN A 171 -4.54 15.18 -16.93
C ASN A 171 -3.24 15.76 -16.40
N VAL A 172 -2.81 15.26 -15.25
CA VAL A 172 -1.60 15.77 -14.61
C VAL A 172 -0.57 14.70 -14.31
N LEU A 173 0.70 15.05 -14.52
CA LEU A 173 1.80 14.16 -14.22
C LEU A 173 2.75 14.95 -13.34
N VAL A 174 2.99 14.47 -12.12
CA VAL A 174 3.91 15.12 -11.19
C VAL A 174 5.05 14.14 -10.96
N THR A 175 6.27 14.59 -11.18
CA THR A 175 7.41 13.71 -11.01
C THR A 175 8.51 14.37 -10.21
N PHE A 176 9.22 13.56 -9.43
CA PHE A 176 10.34 14.06 -8.65
C PHE A 176 11.54 13.17 -8.94
N ASN A 177 12.63 13.80 -9.38
CA ASN A 177 13.86 13.08 -9.69
C ASN A 177 14.89 13.46 -8.63
N PRO A 178 15.27 12.50 -7.76
CA PRO A 178 16.25 12.77 -6.69
C PRO A 178 17.65 13.11 -7.20
N SER A 179 17.95 12.67 -8.41
CA SER A 179 19.25 12.94 -9.01
C SER A 179 19.45 14.43 -9.28
N THR A 180 18.38 15.09 -9.73
CA THR A 180 18.44 16.52 -10.03
C THR A 180 17.67 17.36 -9.02
N ARG A 181 16.85 16.70 -8.21
CA ARG A 181 16.02 17.36 -7.20
C ARG A 181 14.93 18.22 -7.83
N ASN A 182 14.62 17.94 -9.09
CA ASN A 182 13.59 18.67 -9.81
C ASN A 182 12.21 18.05 -9.63
N LEU A 183 11.26 18.88 -9.21
CA LEU A 183 9.87 18.46 -9.05
C LEU A 183 9.23 19.06 -10.30
N ASP A 184 8.80 18.21 -11.22
CA ASP A 184 8.19 18.67 -12.47
C ASP A 184 6.70 18.41 -12.54
N VAL A 185 5.97 19.37 -13.10
CA VAL A 185 4.53 19.24 -13.23
C VAL A 185 4.15 19.49 -14.68
N VAL A 186 3.40 18.57 -15.25
CA VAL A 186 2.93 18.70 -16.62
C VAL A 186 1.43 18.44 -16.59
N ALA A 187 0.66 19.41 -17.08
CA ALA A 187 -0.80 19.27 -17.08
C ALA A 187 -1.31 19.52 -18.48
N THR A 188 -2.25 18.70 -18.92
CA THR A 188 -2.77 18.85 -20.27
C THR A 188 -4.26 18.59 -20.41
N TYR A 189 -4.90 19.31 -21.31
CA TYR A 189 -6.31 19.08 -21.59
C TYR A 189 -6.34 18.14 -22.79
N SER A 190 -7.47 17.51 -23.03
CA SER A 190 -7.60 16.56 -24.13
C SER A 190 -7.24 17.11 -25.51
N ASP A 191 -7.36 18.42 -25.69
CA ASP A 191 -7.06 19.02 -26.99
C ASP A 191 -5.56 19.28 -27.18
N GLY A 192 -4.77 18.91 -26.18
CA GLY A 192 -3.34 19.09 -26.28
C GLY A 192 -2.78 20.34 -25.60
N THR A 193 -3.65 21.19 -25.07
CA THR A 193 -3.17 22.40 -24.39
C THR A 193 -2.37 21.91 -23.19
N ARG A 194 -1.12 22.37 -23.11
CA ARG A 194 -0.18 21.92 -22.08
C ARG A 194 0.35 23.03 -21.18
N TYR A 195 0.53 22.71 -19.89
CA TYR A 195 1.08 23.67 -18.93
C TYR A 195 2.21 22.98 -18.19
N GLU A 196 3.32 23.67 -17.99
CA GLU A 196 4.45 23.08 -17.30
C GLU A 196 5.07 24.01 -16.27
N VAL A 197 5.43 23.46 -15.12
CA VAL A 197 6.07 24.24 -14.07
C VAL A 197 6.99 23.30 -13.31
N SER A 198 8.17 23.80 -12.97
CA SER A 198 9.15 22.98 -12.28
C SER A 198 9.88 23.76 -11.20
N TYR A 199 10.42 23.05 -10.23
CA TYR A 199 11.15 23.68 -9.13
C TYR A 199 12.11 22.69 -8.51
N GLU A 200 13.30 23.18 -8.15
CA GLU A 200 14.32 22.34 -7.53
C GLU A 200 14.12 22.39 -6.02
N VAL A 201 13.94 21.22 -5.41
CA VAL A 201 13.73 21.18 -3.98
C VAL A 201 14.32 19.92 -3.35
N ASP A 202 14.96 20.10 -2.20
CA ASP A 202 15.54 18.98 -1.48
C ASP A 202 14.49 18.51 -0.48
N VAL A 203 13.78 17.45 -0.84
CA VAL A 203 12.71 16.94 0.01
C VAL A 203 13.18 16.52 1.40
N ARG A 204 14.47 16.19 1.53
CA ARG A 204 15.01 15.78 2.82
C ARG A 204 14.99 16.88 3.87
N SER A 205 15.03 18.13 3.44
CA SER A 205 15.03 19.25 4.38
C SER A 205 13.64 19.82 4.63
N VAL A 206 12.62 19.24 4.00
CA VAL A 206 11.26 19.72 4.15
C VAL A 206 10.31 18.71 4.80
N LEU A 207 10.45 17.45 4.41
CA LEU A 207 9.58 16.41 4.94
C LEU A 207 10.32 15.30 5.67
N PRO A 208 9.61 14.60 6.57
CA PRO A 208 10.21 13.51 7.34
C PRO A 208 10.46 12.32 6.40
N GLU A 209 11.11 11.29 6.90
CA GLU A 209 11.41 10.10 6.10
C GLU A 209 10.16 9.39 5.59
N TRP A 210 9.14 9.27 6.44
CA TRP A 210 7.89 8.63 6.03
C TRP A 210 6.79 9.67 5.91
N VAL A 211 6.01 9.57 4.84
CA VAL A 211 4.95 10.54 4.60
C VAL A 211 3.71 9.87 4.04
N ARG A 212 2.64 10.65 3.91
CA ARG A 212 1.43 10.17 3.27
C ARG A 212 1.15 11.12 2.13
N VAL A 213 0.54 10.62 1.06
CA VAL A 213 0.24 11.45 -0.10
C VAL A 213 -1.26 11.47 -0.33
N GLY A 214 -1.76 12.55 -0.91
CA GLY A 214 -3.19 12.65 -1.16
C GLY A 214 -3.61 13.92 -1.88
N PHE A 215 -4.89 14.27 -1.73
CA PHE A 215 -5.42 15.47 -2.37
C PHE A 215 -6.27 16.26 -1.39
N SER A 216 -6.37 17.57 -1.65
CA SER A 216 -7.15 18.45 -0.80
C SER A 216 -7.86 19.45 -1.71
N ALA A 217 -9.03 19.91 -1.28
CA ALA A 217 -9.79 20.88 -2.05
C ALA A 217 -10.71 21.63 -1.09
N ALA A 218 -11.09 22.83 -1.48
CA ALA A 218 -11.97 23.64 -0.64
C ALA A 218 -12.70 24.69 -1.45
N SER A 219 -13.79 25.17 -0.89
CA SER A 219 -14.59 26.23 -1.49
C SER A 219 -15.02 27.14 -0.35
N GLY A 220 -14.77 28.44 -0.51
CA GLY A 220 -15.17 29.40 0.50
C GLY A 220 -16.53 29.94 0.11
N GLU A 221 -16.64 31.25 -0.16
CA GLU A 221 -17.92 31.81 -0.57
C GLU A 221 -18.25 31.45 -2.01
N GLN A 222 -17.21 31.33 -2.85
CA GLN A 222 -17.40 30.92 -4.24
C GLN A 222 -17.21 29.41 -4.21
N TYR A 223 -17.84 28.69 -5.12
CA TYR A 223 -17.75 27.24 -5.13
C TYR A 223 -17.72 26.59 -6.50
N GLN A 224 -17.33 25.31 -6.49
CA GLN A 224 -17.23 24.48 -7.68
C GLN A 224 -16.95 23.09 -7.16
N THR A 225 -17.26 22.08 -7.96
CA THR A 225 -16.99 20.70 -7.55
C THR A 225 -15.51 20.46 -7.83
N HIS A 226 -14.89 19.59 -7.04
CA HIS A 226 -13.48 19.23 -7.25
C HIS A 226 -13.51 17.72 -7.33
N THR A 227 -13.65 17.22 -8.56
CA THR A 227 -13.78 15.80 -8.82
C THR A 227 -12.51 15.09 -9.25
N LEU A 228 -12.00 14.21 -8.39
CA LEU A 228 -10.80 13.43 -8.70
C LEU A 228 -11.30 12.16 -9.40
N GLU A 229 -10.91 12.01 -10.66
CA GLU A 229 -11.36 10.89 -11.49
C GLU A 229 -10.47 9.65 -11.54
N SER A 230 -9.17 9.83 -11.44
CA SER A 230 -8.24 8.70 -11.48
C SER A 230 -6.93 9.11 -10.82
N TRP A 231 -6.17 8.13 -10.36
CA TRP A 231 -4.91 8.42 -9.69
C TRP A 231 -4.01 7.19 -9.60
N SER A 232 -2.76 7.34 -10.02
CA SER A 232 -1.78 6.26 -9.93
C SER A 232 -0.54 6.87 -9.29
N PHE A 233 0.16 6.08 -8.49
CA PHE A 233 1.35 6.58 -7.81
C PHE A 233 2.42 5.50 -7.73
N THR A 234 3.67 5.92 -7.85
CA THR A 234 4.79 4.99 -7.75
C THR A 234 5.97 5.70 -7.13
N SER A 235 6.66 5.03 -6.21
CA SER A 235 7.84 5.61 -5.58
C SER A 235 8.88 4.51 -5.39
N THR A 236 10.14 4.86 -5.55
CA THR A 236 11.23 3.89 -5.42
C THR A 236 12.45 4.58 -4.82
N LEU A 237 12.99 4.02 -3.73
CA LEU A 237 14.19 4.60 -3.12
C LEU A 237 15.41 4.33 -3.99
N LEU A 238 16.16 5.38 -4.31
CA LEU A 238 17.36 5.26 -5.14
C LEU A 238 18.56 5.94 -4.49
N TYR A 239 19.75 5.44 -4.81
CA TYR A 239 20.98 6.03 -4.26
C TYR A 239 21.31 7.36 -4.94
N THR A 240 21.31 8.42 -4.15
CA THR A 240 21.61 9.76 -4.64
C THR A 240 23.09 10.07 -4.53
N ALA A 241 23.80 10.02 -5.66
CA ALA A 241 25.23 10.30 -5.68
C ALA A 241 25.58 11.25 -6.82
N ASP B 2 -7.11 -0.86 -8.04
CA ASP B 2 -7.18 -2.04 -8.89
C ASP B 2 -5.82 -2.73 -8.90
N SER B 3 -4.75 -1.95 -8.73
CA SER B 3 -3.40 -2.50 -8.73
C SER B 3 -2.60 -2.03 -7.52
N LEU B 4 -1.80 -2.93 -6.97
CA LEU B 4 -0.98 -2.64 -5.80
C LEU B 4 0.32 -3.42 -5.89
N SER B 5 1.41 -2.77 -5.55
CA SER B 5 2.71 -3.44 -5.60
C SER B 5 3.62 -2.85 -4.53
N PHE B 6 4.47 -3.68 -3.96
CA PHE B 6 5.43 -3.21 -2.97
C PHE B 6 6.60 -4.17 -2.94
N GLY B 7 7.77 -3.66 -2.53
CA GLY B 7 8.94 -4.51 -2.49
C GLY B 7 9.83 -4.23 -1.30
N PHE B 8 10.24 -5.31 -0.63
CA PHE B 8 11.12 -5.21 0.51
C PHE B 8 12.38 -6.02 0.18
N PRO B 9 13.41 -5.38 -0.42
CA PRO B 9 14.63 -6.13 -0.73
C PRO B 9 15.27 -6.63 0.58
N THR B 10 15.03 -5.86 1.64
CA THR B 10 15.50 -6.17 3.00
C THR B 10 14.45 -5.57 3.93
N PHE B 11 14.60 -5.81 5.23
CA PHE B 11 13.66 -5.30 6.22
C PHE B 11 14.31 -4.46 7.31
N PRO B 12 14.55 -3.17 7.05
CA PRO B 12 15.17 -2.29 8.05
C PRO B 12 14.25 -2.23 9.27
N SER B 13 14.82 -1.97 10.44
CA SER B 13 14.03 -1.93 11.67
C SER B 13 12.93 -0.87 11.68
N ASP B 14 13.09 0.18 10.88
CA ASP B 14 12.10 1.24 10.85
C ASP B 14 10.96 0.93 9.87
N GLN B 15 9.95 0.21 10.36
CA GLN B 15 8.80 -0.18 9.53
C GLN B 15 7.54 0.58 9.92
N LYS B 16 6.70 0.86 8.93
CA LYS B 16 5.46 1.57 9.15
C LYS B 16 4.24 0.87 8.57
N ASN B 17 4.44 0.07 7.52
CA ASN B 17 3.33 -0.61 6.87
C ASN B 17 3.18 -2.11 7.13
N LEU B 18 3.80 -2.59 8.20
CA LEU B 18 3.68 -4.00 8.55
C LEU B 18 2.92 -4.17 9.86
N ILE B 19 2.02 -5.13 9.89
CA ILE B 19 1.25 -5.44 11.09
C ILE B 19 1.95 -6.67 11.69
N PHE B 20 2.49 -6.51 12.90
CA PHE B 20 3.20 -7.59 13.58
C PHE B 20 2.26 -8.29 14.57
N GLN B 21 2.20 -9.62 14.50
CA GLN B 21 1.34 -10.35 15.42
C GLN B 21 2.18 -11.43 16.11
N GLY B 22 1.83 -11.75 17.35
CA GLY B 22 2.59 -12.76 18.05
C GLY B 22 4.00 -12.31 18.37
N ASP B 23 4.97 -13.21 18.19
CA ASP B 23 6.37 -12.89 18.50
C ASP B 23 7.19 -12.31 17.35
N ALA B 24 6.56 -12.12 16.19
CA ALA B 24 7.29 -11.59 15.05
C ALA B 24 7.92 -10.22 15.31
N GLN B 25 9.15 -10.05 14.83
CA GLN B 25 9.84 -8.77 14.97
C GLN B 25 11.04 -8.71 14.04
N ILE B 26 11.54 -7.51 13.78
CA ILE B 26 12.68 -7.36 12.90
C ILE B 26 14.01 -7.36 13.65
N LYS B 27 14.96 -8.11 13.10
CA LYS B 27 16.30 -8.22 13.67
C LYS B 27 17.28 -8.43 12.53
N ASN B 28 18.37 -7.68 12.53
CA ASN B 28 19.39 -7.80 11.50
C ASN B 28 18.85 -7.68 10.08
N ASN B 29 18.00 -6.68 9.85
CA ASN B 29 17.43 -6.42 8.53
C ASN B 29 16.58 -7.54 7.94
N ALA B 30 16.04 -8.40 8.81
CA ALA B 30 15.18 -9.49 8.36
C ALA B 30 14.06 -9.66 9.38
N VAL B 31 12.97 -10.30 8.97
CA VAL B 31 11.88 -10.52 9.89
C VAL B 31 12.06 -11.88 10.57
N GLN B 32 12.12 -11.87 11.89
CA GLN B 32 12.23 -13.12 12.65
C GLN B 32 10.79 -13.42 13.04
N LEU B 33 10.15 -14.35 12.36
CA LEU B 33 8.76 -14.67 12.66
C LEU B 33 8.60 -15.31 14.03
N THR B 34 9.51 -16.20 14.38
CA THR B 34 9.46 -16.86 15.68
C THR B 34 10.52 -16.30 16.62
N LYS B 35 10.21 -16.34 17.92
CA LYS B 35 11.08 -15.81 18.96
C LYS B 35 12.46 -16.45 19.06
N THR B 36 13.46 -15.63 19.36
CA THR B 36 14.83 -16.07 19.52
C THR B 36 15.35 -15.43 20.79
N ASP B 37 16.23 -16.12 21.52
CA ASP B 37 16.77 -15.56 22.75
C ASP B 37 17.77 -14.44 22.45
N SER B 38 18.47 -13.99 23.48
CA SER B 38 19.45 -12.92 23.33
C SER B 38 20.58 -13.27 22.37
N ASN B 39 20.92 -14.55 22.29
CA ASN B 39 21.99 -15.01 21.41
C ASN B 39 21.52 -15.28 19.99
N GLY B 40 20.23 -15.06 19.73
CA GLY B 40 19.69 -15.29 18.41
C GLY B 40 19.35 -16.75 18.13
N ASN B 41 19.27 -17.55 19.20
CA ASN B 41 18.93 -18.96 19.05
C ASN B 41 17.43 -19.15 19.18
N PRO B 42 16.85 -20.08 18.39
CA PRO B 42 15.41 -20.34 18.44
C PRO B 42 14.98 -20.93 19.77
N VAL B 43 13.73 -20.67 20.15
CA VAL B 43 13.17 -21.19 21.39
C VAL B 43 11.85 -21.87 21.08
N ALA B 44 11.41 -22.74 21.98
CA ALA B 44 10.15 -23.47 21.78
C ALA B 44 8.94 -22.61 22.13
N SER B 45 7.76 -23.09 21.73
CA SER B 45 6.49 -22.44 22.01
C SER B 45 6.39 -20.98 21.59
N THR B 46 6.51 -20.74 20.29
CA THR B 46 6.42 -19.39 19.76
C THR B 46 5.65 -19.36 18.43
N VAL B 47 4.93 -18.27 18.20
CA VAL B 47 4.16 -18.10 16.97
C VAL B 47 4.27 -16.62 16.61
N GLY B 48 4.35 -16.33 15.31
CA GLY B 48 4.45 -14.95 14.90
C GLY B 48 3.99 -14.83 13.45
N ARG B 49 3.41 -13.67 13.11
CA ARG B 49 2.94 -13.44 11.76
C ARG B 49 3.12 -11.97 11.42
N ILE B 50 3.16 -11.66 10.12
CA ILE B 50 3.24 -10.27 9.69
C ILE B 50 2.28 -10.17 8.50
N LEU B 51 1.67 -9.01 8.34
CA LEU B 51 0.74 -8.75 7.25
C LEU B 51 1.06 -7.37 6.70
N PHE B 52 0.86 -7.17 5.40
CA PHE B 52 1.09 -5.84 4.86
C PHE B 52 -0.17 -5.09 5.27
N SER B 53 -0.02 -3.82 5.69
CA SER B 53 -1.15 -3.04 6.15
C SER B 53 -2.24 -2.75 5.12
N ALA B 54 -1.86 -2.36 3.91
CA ALA B 54 -2.87 -2.06 2.89
C ALA B 54 -3.60 -3.33 2.43
N GLN B 55 -4.92 -3.25 2.32
CA GLN B 55 -5.71 -4.39 1.88
C GLN B 55 -5.58 -4.56 0.37
N VAL B 56 -5.58 -5.82 -0.07
CA VAL B 56 -5.46 -6.13 -1.50
C VAL B 56 -6.84 -6.46 -2.07
N HIS B 57 -7.17 -5.88 -3.22
CA HIS B 57 -8.46 -6.15 -3.82
C HIS B 57 -8.27 -7.40 -4.68
N LEU B 58 -8.63 -8.55 -4.11
CA LEU B 58 -8.48 -9.85 -4.77
C LEU B 58 -9.46 -10.09 -5.92
N TRP B 59 -10.72 -9.73 -5.71
CA TRP B 59 -11.71 -9.87 -6.77
C TRP B 59 -12.83 -8.86 -6.58
N GLU B 60 -13.54 -8.57 -7.67
CA GLU B 60 -14.62 -7.59 -7.62
C GLU B 60 -15.90 -8.16 -8.22
N LYS B 61 -16.88 -8.40 -7.35
CA LYS B 61 -18.16 -8.97 -7.76
C LYS B 61 -18.91 -8.15 -8.80
N SER B 62 -18.91 -6.84 -8.63
CA SER B 62 -19.62 -5.95 -9.55
C SER B 62 -19.06 -5.87 -10.96
N SER B 63 -17.76 -6.11 -11.12
CA SER B 63 -17.14 -6.03 -12.44
C SER B 63 -16.70 -7.38 -12.99
N SER B 64 -16.94 -8.45 -12.23
CA SER B 64 -16.56 -9.79 -12.64
C SER B 64 -15.05 -9.94 -12.88
N ARG B 65 -14.25 -9.17 -12.15
CA ARG B 65 -12.79 -9.25 -12.31
C ARG B 65 -12.14 -10.01 -11.15
N VAL B 66 -10.98 -10.60 -11.42
CA VAL B 66 -10.23 -11.34 -10.42
C VAL B 66 -8.76 -10.92 -10.59
N ALA B 67 -8.05 -10.76 -9.49
CA ALA B 67 -6.67 -10.33 -9.56
C ALA B 67 -5.66 -11.37 -9.98
N ASN B 68 -4.65 -10.90 -10.71
CA ASN B 68 -3.53 -11.72 -11.13
C ASN B 68 -2.51 -11.22 -10.12
N PHE B 69 -1.90 -12.11 -9.33
CA PHE B 69 -0.91 -11.65 -8.38
C PHE B 69 0.34 -12.52 -8.36
N GLN B 70 1.43 -11.93 -7.89
CA GLN B 70 2.70 -12.64 -7.80
C GLN B 70 3.37 -12.23 -6.50
N SER B 71 3.88 -13.21 -5.77
CA SER B 71 4.57 -12.94 -4.52
C SER B 71 5.92 -13.65 -4.59
N GLN B 72 7.00 -12.86 -4.50
CA GLN B 72 8.35 -13.42 -4.57
C GLN B 72 8.98 -13.19 -3.21
N PHE B 73 9.60 -14.21 -2.64
CA PHE B 73 10.20 -14.03 -1.33
C PHE B 73 11.29 -15.06 -1.06
N SER B 74 12.10 -14.79 -0.04
CA SER B 74 13.16 -15.73 0.33
C SER B 74 13.21 -15.81 1.85
N PHE B 75 13.51 -17.01 2.35
CA PHE B 75 13.61 -17.23 3.79
C PHE B 75 14.65 -18.31 4.05
N SER B 76 15.05 -18.42 5.31
CA SER B 76 16.02 -19.44 5.70
C SER B 76 15.60 -19.95 7.07
N LEU B 77 15.90 -21.20 7.33
CA LEU B 77 15.55 -21.84 8.61
C LEU B 77 16.85 -22.35 9.21
N LYS B 78 16.99 -22.24 10.52
CA LYS B 78 18.20 -22.70 11.18
C LYS B 78 17.84 -23.29 12.54
N SER B 79 18.46 -24.42 12.88
CA SER B 79 18.20 -25.08 14.15
C SER B 79 19.30 -26.06 14.51
N PRO B 80 19.69 -26.10 15.80
CA PRO B 80 20.72 -27.00 16.31
C PRO B 80 20.17 -28.42 16.36
N LEU B 81 18.84 -28.53 16.39
CA LEU B 81 18.16 -29.82 16.47
C LEU B 81 18.13 -30.57 15.14
N SER B 82 17.99 -31.88 15.22
CA SER B 82 17.93 -32.72 14.03
C SER B 82 16.52 -32.62 13.41
N ASN B 83 15.56 -32.17 14.22
CA ASN B 83 14.18 -32.07 13.77
C ASN B 83 13.55 -30.69 14.01
N GLY B 84 14.09 -29.67 13.36
CA GLY B 84 13.56 -28.32 13.51
C GLY B 84 12.10 -28.25 13.11
N ALA B 85 11.32 -27.45 13.84
CA ALA B 85 9.89 -27.30 13.60
C ALA B 85 9.46 -25.85 13.84
N ASP B 86 8.29 -25.45 13.35
CA ASP B 86 7.35 -26.29 12.61
C ASP B 86 7.21 -25.92 11.13
N GLY B 87 7.56 -24.69 10.79
CA GLY B 87 7.44 -24.29 9.40
C GLY B 87 6.98 -22.86 9.21
N ILE B 88 7.05 -22.42 7.97
CA ILE B 88 6.65 -21.05 7.62
C ILE B 88 5.64 -21.13 6.47
N ALA B 89 4.74 -20.15 6.42
CA ALA B 89 3.74 -20.12 5.37
C ALA B 89 3.43 -18.72 4.89
N PHE B 90 3.20 -18.61 3.58
CA PHE B 90 2.79 -17.36 2.95
C PHE B 90 1.28 -17.56 2.95
N PHE B 91 0.51 -16.56 3.36
CA PHE B 91 -0.93 -16.76 3.37
C PHE B 91 -1.75 -15.54 2.97
N ILE B 92 -3.00 -15.80 2.62
CA ILE B 92 -3.94 -14.77 2.21
C ILE B 92 -5.19 -15.05 3.02
N ALA B 93 -5.69 -14.03 3.71
CA ALA B 93 -6.87 -14.21 4.55
C ALA B 93 -7.67 -12.93 4.67
N PRO B 94 -8.83 -12.98 5.34
CA PRO B 94 -9.66 -11.78 5.51
C PRO B 94 -8.82 -10.74 6.24
N PRO B 95 -9.09 -9.44 5.99
CA PRO B 95 -8.35 -8.33 6.60
C PRO B 95 -8.21 -8.32 8.12
N ASP B 96 -9.22 -8.81 8.83
CA ASP B 96 -9.20 -8.82 10.28
C ASP B 96 -8.60 -10.07 10.92
N THR B 97 -7.89 -10.86 10.13
CA THR B 97 -7.29 -12.09 10.64
C THR B 97 -6.32 -11.87 11.81
N THR B 98 -6.42 -12.74 12.81
CA THR B 98 -5.55 -12.68 13.98
C THR B 98 -5.11 -14.10 14.30
N ILE B 99 -4.11 -14.25 15.15
CA ILE B 99 -3.63 -15.58 15.51
C ILE B 99 -4.69 -16.33 16.30
N PRO B 100 -5.17 -17.46 15.76
CA PRO B 100 -6.19 -18.28 16.42
C PRO B 100 -5.69 -18.84 17.75
N SER B 101 -6.60 -19.01 18.71
CA SER B 101 -6.22 -19.55 20.00
C SER B 101 -5.75 -21.00 19.83
N GLY B 102 -4.59 -21.31 20.38
CA GLY B 102 -4.05 -22.67 20.28
C GLY B 102 -3.57 -23.07 18.89
N SER B 103 -3.24 -22.07 18.07
CA SER B 103 -2.78 -22.33 16.70
C SER B 103 -1.27 -22.59 16.60
N GLY B 104 -0.64 -22.86 17.74
CA GLY B 104 0.79 -23.09 17.73
C GLY B 104 1.23 -24.41 17.10
N GLY B 105 2.54 -24.64 17.12
CA GLY B 105 3.10 -25.86 16.57
C GLY B 105 2.73 -26.21 15.14
N GLY B 106 2.25 -27.44 14.97
CA GLY B 106 1.87 -27.92 13.66
C GLY B 106 0.75 -27.16 12.96
N LEU B 107 0.04 -26.29 13.68
CA LEU B 107 -1.03 -25.52 13.06
C LEU B 107 -0.50 -24.24 12.43
N LEU B 108 0.81 -24.03 12.56
CA LEU B 108 1.50 -22.91 11.95
C LEU B 108 0.95 -21.50 12.21
N GLY B 109 0.16 -21.35 13.26
CA GLY B 109 -0.40 -20.05 13.59
C GLY B 109 -1.50 -19.63 12.63
N LEU B 110 -2.01 -20.60 11.87
CA LEU B 110 -3.06 -20.34 10.89
C LEU B 110 -4.42 -20.91 11.25
N PHE B 111 -4.43 -22.05 11.94
CA PHE B 111 -5.71 -22.67 12.29
C PHE B 111 -5.90 -22.97 13.77
N ALA B 112 -7.17 -23.06 14.16
CA ALA B 112 -7.54 -23.38 15.53
C ALA B 112 -7.65 -24.90 15.55
N PRO B 113 -7.27 -25.54 16.67
CA PRO B 113 -7.33 -26.99 16.81
C PRO B 113 -8.67 -27.62 16.43
N GLY B 114 -9.75 -27.07 16.97
CA GLY B 114 -11.07 -27.60 16.72
C GLY B 114 -11.56 -27.62 15.28
N THR B 115 -11.12 -26.67 14.47
CA THR B 115 -11.57 -26.60 13.09
C THR B 115 -10.46 -26.64 12.05
N ALA B 116 -9.27 -27.09 12.45
CA ALA B 116 -8.11 -27.16 11.57
C ALA B 116 -8.33 -27.92 10.27
N GLN B 117 -9.21 -28.92 10.29
CA GLN B 117 -9.48 -29.69 9.07
C GLN B 117 -10.91 -29.55 8.57
N ASN B 118 -11.62 -28.53 9.04
CA ASN B 118 -13.00 -28.28 8.61
C ASN B 118 -12.95 -27.14 7.60
N THR B 119 -13.00 -27.48 6.32
CA THR B 119 -12.92 -26.49 5.26
C THR B 119 -14.01 -25.41 5.25
N SER B 120 -15.21 -25.75 5.68
CA SER B 120 -16.29 -24.78 5.68
C SER B 120 -16.20 -23.81 6.86
N ALA B 121 -15.23 -24.04 7.74
CA ALA B 121 -15.06 -23.19 8.92
C ALA B 121 -13.89 -22.21 8.81
N ASN B 122 -13.18 -22.25 7.68
CA ASN B 122 -12.02 -21.39 7.50
C ASN B 122 -12.05 -20.60 6.20
N GLN B 123 -11.25 -19.54 6.16
CA GLN B 123 -11.11 -18.69 4.98
C GLN B 123 -9.64 -18.34 4.87
N VAL B 124 -8.87 -19.21 4.24
CA VAL B 124 -7.44 -18.97 4.10
C VAL B 124 -6.82 -19.83 3.01
N ILE B 125 -5.91 -19.23 2.26
CA ILE B 125 -5.16 -19.93 1.24
C ILE B 125 -3.73 -19.70 1.68
N ALA B 126 -2.95 -20.77 1.80
CA ALA B 126 -1.58 -20.62 2.23
C ALA B 126 -0.66 -21.61 1.54
N VAL B 127 0.61 -21.23 1.42
CA VAL B 127 1.62 -22.09 0.83
C VAL B 127 2.57 -22.33 2.00
N GLU B 128 2.60 -23.57 2.48
CA GLU B 128 3.43 -23.94 3.61
C GLU B 128 4.71 -24.68 3.26
N PHE B 129 5.75 -24.44 4.06
CA PHE B 129 7.03 -25.12 3.93
C PHE B 129 7.10 -25.74 5.32
N ASP B 130 6.66 -26.99 5.35
CA ASP B 130 6.50 -27.79 6.56
C ASP B 130 7.68 -28.73 6.83
N THR B 131 8.39 -28.51 7.94
CA THR B 131 9.55 -29.33 8.27
C THR B 131 9.34 -30.38 9.34
N PHE B 132 8.16 -30.40 9.97
CA PHE B 132 7.90 -31.37 11.03
C PHE B 132 6.69 -32.20 10.63
N TYR B 133 6.88 -33.51 10.58
CA TYR B 133 5.83 -34.42 10.14
C TYR B 133 5.57 -35.64 11.01
N ALA B 134 5.94 -35.58 12.29
CA ALA B 134 5.73 -36.72 13.20
C ALA B 134 4.28 -37.20 13.06
N GLN B 135 4.13 -38.44 12.60
CA GLN B 135 2.81 -39.04 12.39
C GLN B 135 1.91 -39.18 13.61
N ASP B 136 2.46 -38.98 14.81
CA ASP B 136 1.65 -39.08 16.02
C ASP B 136 1.01 -37.76 16.42
N SER B 137 1.62 -36.64 16.04
CA SER B 137 1.08 -35.33 16.37
C SER B 137 0.54 -34.62 15.12
N ASN B 138 1.32 -34.63 14.04
CA ASN B 138 0.90 -34.02 12.80
C ASN B 138 0.34 -35.13 11.91
N THR B 139 -0.78 -35.71 12.35
CA THR B 139 -1.42 -36.82 11.66
C THR B 139 -1.84 -36.55 10.22
N TRP B 140 -2.09 -35.29 9.90
CA TRP B 140 -2.53 -34.87 8.57
C TRP B 140 -1.40 -34.80 7.54
N ASP B 141 -0.15 -34.76 8.00
CA ASP B 141 1.00 -34.67 7.09
C ASP B 141 1.51 -35.95 6.45
N PRO B 142 2.16 -35.81 5.28
CA PRO B 142 2.74 -36.94 4.57
C PRO B 142 3.97 -37.20 5.45
N ASN B 143 4.61 -38.35 5.34
CA ASN B 143 5.74 -38.63 6.21
C ASN B 143 7.11 -38.16 5.70
N TYR B 144 7.25 -36.86 5.52
CA TYR B 144 8.49 -36.25 5.06
C TYR B 144 8.29 -34.75 4.93
N PRO B 145 9.39 -33.96 4.97
CA PRO B 145 9.28 -32.50 4.84
C PRO B 145 8.64 -32.23 3.49
N HIS B 146 7.84 -31.18 3.39
CA HIS B 146 7.14 -30.90 2.15
C HIS B 146 6.68 -29.47 1.98
N ILE B 147 6.32 -29.15 0.75
CA ILE B 147 5.75 -27.85 0.41
C ILE B 147 4.30 -28.23 0.20
N GLY B 148 3.38 -27.48 0.79
CA GLY B 148 1.98 -27.79 0.62
C GLY B 148 1.12 -26.60 0.30
N ILE B 149 0.02 -26.84 -0.41
CA ILE B 149 -0.91 -25.78 -0.73
C ILE B 149 -2.09 -26.07 0.18
N ASP B 150 -2.43 -25.10 1.02
CA ASP B 150 -3.51 -25.25 1.97
C ASP B 150 -4.70 -24.37 1.61
N VAL B 151 -5.88 -24.99 1.50
CA VAL B 151 -7.09 -24.24 1.19
C VAL B 151 -8.12 -24.56 2.28
N ASN B 152 -8.24 -23.66 3.24
CA ASN B 152 -9.17 -23.78 4.36
C ASN B 152 -8.95 -24.98 5.28
N SER B 153 -7.75 -25.55 5.25
CA SER B 153 -7.43 -26.70 6.10
C SER B 153 -5.93 -26.93 6.22
N ILE B 154 -5.50 -27.44 7.38
CA ILE B 154 -4.09 -27.71 7.61
C ILE B 154 -3.69 -28.98 6.83
N ARG B 155 -4.69 -29.76 6.42
CA ARG B 155 -4.42 -30.96 5.62
C ARG B 155 -4.36 -30.44 4.18
N SER B 156 -3.15 -30.27 3.68
CA SER B 156 -2.91 -29.75 2.33
C SER B 156 -3.69 -30.44 1.22
N VAL B 157 -4.20 -29.65 0.28
CA VAL B 157 -4.94 -30.21 -0.84
C VAL B 157 -3.91 -30.89 -1.75
N LYS B 158 -2.65 -30.51 -1.56
CA LYS B 158 -1.55 -31.07 -2.34
C LYS B 158 -0.20 -30.79 -1.70
N THR B 159 0.70 -31.77 -1.76
CA THR B 159 2.04 -31.60 -1.22
C THR B 159 3.04 -32.21 -2.19
N VAL B 160 4.29 -31.78 -2.09
CA VAL B 160 5.37 -32.32 -2.90
C VAL B 160 6.56 -32.44 -1.96
N LYS B 161 7.39 -33.44 -2.19
CA LYS B 161 8.57 -33.67 -1.35
C LYS B 161 9.50 -32.47 -1.43
N TRP B 162 10.05 -32.08 -0.29
CA TRP B 162 10.96 -30.94 -0.23
C TRP B 162 12.11 -31.27 0.72
N ASP B 163 13.28 -30.67 0.48
CA ASP B 163 14.41 -30.91 1.36
C ASP B 163 14.69 -29.66 2.18
N ARG B 164 14.80 -29.82 3.49
CA ARG B 164 15.11 -28.72 4.39
C ARG B 164 16.63 -28.61 4.40
N ARG B 165 17.16 -27.40 4.21
CA ARG B 165 18.61 -27.20 4.22
C ARG B 165 18.89 -26.11 5.24
N ASP B 166 19.53 -26.50 6.34
CA ASP B 166 19.83 -25.57 7.43
C ASP B 166 20.68 -24.39 6.99
N GLY B 167 20.20 -23.19 7.32
CA GLY B 167 20.93 -21.97 6.99
C GLY B 167 20.99 -21.53 5.53
N GLN B 168 20.34 -22.26 4.64
CA GLN B 168 20.34 -21.90 3.23
C GLN B 168 19.04 -21.22 2.81
N SER B 169 19.17 -20.13 2.05
CA SER B 169 18.00 -19.39 1.61
C SER B 169 17.25 -20.08 0.47
N LEU B 170 15.94 -20.09 0.58
CA LEU B 170 15.08 -20.67 -0.45
C LEU B 170 14.36 -19.50 -1.10
N ASN B 171 14.44 -19.39 -2.42
CA ASN B 171 13.73 -18.33 -3.15
C ASN B 171 12.45 -18.94 -3.67
N VAL B 172 11.33 -18.24 -3.43
CA VAL B 172 10.03 -18.75 -3.83
C VAL B 172 9.25 -17.75 -4.66
N LEU B 173 8.55 -18.26 -5.66
CA LEU B 173 7.69 -17.41 -6.48
C LEU B 173 6.30 -18.06 -6.47
N VAL B 174 5.31 -17.33 -5.99
CA VAL B 174 3.94 -17.85 -5.95
C VAL B 174 3.13 -16.95 -6.88
N THR B 175 2.44 -17.55 -7.85
CA THR B 175 1.65 -16.76 -8.78
C THR B 175 0.26 -17.34 -8.95
N PHE B 176 -0.69 -16.46 -9.26
CA PHE B 176 -2.07 -16.87 -9.50
C PHE B 176 -2.52 -16.24 -10.80
N ASN B 177 -3.00 -17.08 -11.72
CA ASN B 177 -3.47 -16.63 -13.02
C ASN B 177 -4.99 -16.81 -13.01
N PRO B 178 -5.75 -15.71 -12.98
CA PRO B 178 -7.22 -15.76 -12.96
C PRO B 178 -7.86 -16.41 -14.18
N SER B 179 -7.16 -16.42 -15.31
CA SER B 179 -7.68 -17.02 -16.54
C SER B 179 -7.78 -18.53 -16.41
N THR B 180 -6.72 -19.14 -15.89
CA THR B 180 -6.66 -20.59 -15.72
C THR B 180 -7.01 -21.02 -14.30
N ARG B 181 -7.03 -20.05 -13.38
CA ARG B 181 -7.31 -20.30 -11.97
C ARG B 181 -6.21 -21.15 -11.33
N ASN B 182 -5.03 -21.14 -11.94
CA ASN B 182 -3.90 -21.89 -11.44
C ASN B 182 -3.04 -21.11 -10.45
N LEU B 183 -2.79 -21.71 -9.30
CA LEU B 183 -1.92 -21.13 -8.29
C LEU B 183 -0.64 -21.95 -8.44
N ASP B 184 0.44 -21.31 -8.90
CA ASP B 184 1.69 -22.00 -9.10
C ASP B 184 2.75 -21.61 -8.07
N VAL B 185 3.54 -22.59 -7.64
CA VAL B 185 4.61 -22.37 -6.68
C VAL B 185 5.89 -22.94 -7.26
N VAL B 186 6.94 -22.10 -7.28
CA VAL B 186 8.24 -22.53 -7.78
C VAL B 186 9.23 -22.09 -6.71
N ALA B 187 10.01 -23.03 -6.19
CA ALA B 187 10.99 -22.70 -5.16
C ALA B 187 12.34 -23.26 -5.56
N THR B 188 13.40 -22.51 -5.28
CA THR B 188 14.74 -22.96 -5.65
C THR B 188 15.78 -22.60 -4.61
N TYR B 189 16.81 -23.45 -4.52
CA TYR B 189 17.94 -23.21 -3.63
C TYR B 189 19.00 -22.63 -4.57
N SER B 190 20.04 -22.05 -3.99
CA SER B 190 21.09 -21.41 -4.80
C SER B 190 21.89 -22.33 -5.72
N ASP B 191 21.79 -23.64 -5.53
CA ASP B 191 22.52 -24.58 -6.38
C ASP B 191 21.66 -25.04 -7.54
N GLY B 192 20.48 -24.44 -7.69
CA GLY B 192 19.60 -24.80 -8.78
C GLY B 192 18.57 -25.86 -8.48
N THR B 193 18.60 -26.44 -7.28
CA THR B 193 17.61 -27.47 -6.92
C THR B 193 16.25 -26.79 -6.95
N ARG B 194 15.32 -27.38 -7.70
CA ARG B 194 14.01 -26.78 -7.90
C ARG B 194 12.83 -27.64 -7.46
N TYR B 195 11.78 -26.98 -6.95
CA TYR B 195 10.57 -27.67 -6.53
C TYR B 195 9.38 -26.93 -7.14
N GLU B 196 8.41 -27.66 -7.67
CA GLU B 196 7.26 -27.04 -8.30
C GLU B 196 5.97 -27.76 -7.92
N VAL B 197 4.91 -26.98 -7.70
CA VAL B 197 3.62 -27.55 -7.36
C VAL B 197 2.55 -26.55 -7.81
N SER B 198 1.46 -27.07 -8.36
CA SER B 198 0.39 -26.21 -8.85
C SER B 198 -0.97 -26.77 -8.47
N TYR B 199 -1.96 -25.89 -8.34
CA TYR B 199 -3.30 -26.31 -7.98
C TYR B 199 -4.32 -25.35 -8.57
N GLU B 200 -5.42 -25.88 -9.09
CA GLU B 200 -6.47 -25.05 -9.67
C GLU B 200 -7.46 -24.69 -8.58
N VAL B 201 -7.65 -23.40 -8.34
CA VAL B 201 -8.58 -22.95 -7.32
C VAL B 201 -9.24 -21.63 -7.67
N ASP B 202 -10.54 -21.56 -7.46
CA ASP B 202 -11.29 -20.34 -7.71
C ASP B 202 -11.30 -19.57 -6.40
N VAL B 203 -10.44 -18.55 -6.32
CA VAL B 203 -10.31 -17.76 -5.10
C VAL B 203 -11.62 -17.06 -4.69
N ARG B 204 -12.49 -16.82 -5.65
CA ARG B 204 -13.76 -16.14 -5.37
C ARG B 204 -14.66 -16.93 -4.42
N SER B 205 -14.52 -18.25 -4.43
CA SER B 205 -15.34 -19.09 -3.57
C SER B 205 -14.69 -19.39 -2.22
N VAL B 206 -13.46 -18.94 -2.04
CA VAL B 206 -12.73 -19.20 -0.81
C VAL B 206 -12.50 -17.96 0.05
N LEU B 207 -12.19 -16.85 -0.61
CA LEU B 207 -11.89 -15.61 0.08
C LEU B 207 -12.77 -14.41 -0.28
N PRO B 208 -12.89 -13.43 0.62
CA PRO B 208 -13.69 -12.22 0.42
C PRO B 208 -12.99 -11.35 -0.64
N GLU B 209 -13.69 -10.32 -1.11
CA GLU B 209 -13.15 -9.43 -2.14
C GLU B 209 -11.87 -8.72 -1.73
N TRP B 210 -11.79 -8.30 -0.47
CA TRP B 210 -10.61 -7.64 0.04
C TRP B 210 -9.93 -8.53 1.06
N VAL B 211 -8.61 -8.66 0.97
CA VAL B 211 -7.86 -9.50 1.87
C VAL B 211 -6.54 -8.86 2.25
N ARG B 212 -5.84 -9.49 3.18
CA ARG B 212 -4.51 -9.04 3.56
C ARG B 212 -3.60 -10.23 3.28
N VAL B 213 -2.33 -9.95 3.01
CA VAL B 213 -1.37 -11.01 2.73
C VAL B 213 -0.20 -10.89 3.68
N GLY B 214 0.42 -12.02 3.99
CA GLY B 214 1.55 -11.99 4.89
C GLY B 214 2.18 -13.35 5.09
N PHE B 215 2.87 -13.51 6.22
CA PHE B 215 3.53 -14.77 6.54
C PHE B 215 3.25 -15.18 7.97
N SER B 216 3.35 -16.47 8.22
CA SER B 216 3.12 -17.00 9.55
C SER B 216 4.12 -18.13 9.77
N ALA B 217 4.52 -18.32 11.02
CA ALA B 217 5.44 -19.40 11.37
C ALA B 217 5.20 -19.76 12.82
N ALA B 218 5.57 -20.97 13.19
CA ALA B 218 5.39 -21.40 14.57
C ALA B 218 6.37 -22.50 14.92
N SER B 219 6.58 -22.68 16.22
CA SER B 219 7.45 -23.72 16.76
C SER B 219 6.77 -24.22 18.02
N GLY B 220 6.61 -25.53 18.14
CA GLY B 220 5.99 -26.10 19.32
C GLY B 220 7.10 -26.62 20.23
N GLU B 221 7.12 -27.93 20.45
CA GLU B 221 8.14 -28.56 21.28
C GLU B 221 9.51 -28.48 20.60
N GLN B 222 9.52 -28.68 19.29
CA GLN B 222 10.75 -28.59 18.51
C GLN B 222 10.78 -27.17 17.92
N TYR B 223 11.97 -26.66 17.64
CA TYR B 223 12.09 -25.29 17.15
C TYR B 223 13.19 -25.05 16.13
N GLN B 224 13.10 -23.88 15.50
CA GLN B 224 14.04 -23.42 14.49
C GLN B 224 13.66 -21.97 14.23
N THR B 225 14.60 -21.18 13.73
CA THR B 225 14.28 -19.80 13.40
C THR B 225 13.56 -19.84 12.05
N HIS B 226 12.69 -18.86 11.80
CA HIS B 226 11.99 -18.77 10.53
C HIS B 226 12.23 -17.32 10.11
N THR B 227 13.25 -17.13 9.29
CA THR B 227 13.66 -15.79 8.89
C THR B 227 13.25 -15.39 7.48
N LEU B 228 12.42 -14.36 7.38
CA LEU B 228 11.97 -13.85 6.09
C LEU B 228 13.00 -12.78 5.73
N GLU B 229 13.69 -13.01 4.61
CA GLU B 229 14.77 -12.14 4.15
C GLU B 229 14.39 -11.05 3.15
N SER B 230 13.43 -11.33 2.28
CA SER B 230 12.99 -10.35 1.29
C SER B 230 11.59 -10.72 0.81
N TRP B 231 10.89 -9.76 0.23
CA TRP B 231 9.53 -10.00 -0.24
C TRP B 231 9.04 -8.91 -1.19
N SER B 232 8.50 -9.31 -2.34
CA SER B 232 7.93 -8.34 -3.27
C SER B 232 6.59 -8.93 -3.64
N PHE B 233 5.60 -8.05 -3.82
CA PHE B 233 4.25 -8.51 -4.16
C PHE B 233 3.61 -7.56 -5.15
N THR B 234 2.84 -8.10 -6.07
CA THR B 234 2.14 -7.28 -7.05
C THR B 234 0.80 -7.93 -7.35
N SER B 235 -0.23 -7.11 -7.47
CA SER B 235 -1.57 -7.59 -7.76
C SER B 235 -2.26 -6.60 -8.70
N THR B 236 -3.06 -7.14 -9.63
CA THR B 236 -3.78 -6.29 -10.58
C THR B 236 -5.09 -6.97 -11.00
N LEU B 237 -6.20 -6.25 -10.89
CA LEU B 237 -7.49 -6.79 -11.28
C LEU B 237 -7.62 -6.92 -12.79
N LEU B 238 -8.05 -8.09 -13.24
CA LEU B 238 -8.21 -8.36 -14.68
C LEU B 238 -9.57 -8.97 -15.00
N TYR B 239 -10.03 -8.75 -16.23
CA TYR B 239 -11.30 -9.30 -16.68
C TYR B 239 -11.12 -10.78 -16.98
N THR B 240 -12.05 -11.60 -16.49
CA THR B 240 -11.99 -13.04 -16.71
C THR B 240 -13.05 -13.48 -17.70
N ALA B 241 -12.62 -13.79 -18.92
CA ALA B 241 -13.52 -14.23 -19.98
C ALA B 241 -12.76 -14.94 -21.09
#